data_9NNE
#
_entry.id   9NNE
#
_cell.length_a   58.595
_cell.length_b   63.676
_cell.length_c   124.625
_cell.angle_alpha   90.00
_cell.angle_beta   90.00
_cell.angle_gamma   90.00
#
_symmetry.space_group_name_H-M   'P 21 21 21'
#
loop_
_entity.id
_entity.type
_entity.pdbx_description
1 polymer 'Cholesterol 24-hydroxylase'
2 non-polymer 'PROTOPORPHYRIN IX CONTAINING FE'
3 non-polymer (morpholin-4-yl)[(4R,8M)-8-(1,3-oxazol-5-yl)-6-(trifluoromethyl)imidazo[1,2-a]pyridin-3-yl]methanone
4 water water
#
_entity_poly.entity_id   1
_entity_poly.type   'polypeptide(L)'
_entity_poly.pdbx_seq_one_letter_code
;MHHHHHHSRYEHIPGPPRPSFLLGHLPCFWKKDEVGGRVLQDVFLDWAKKYGPVVRVNVFHKTSVIVTSPESVKKFLMST
KYNKDSKMYRALQTVFGERLFGQGLVSECNYERWHKQRRVIDLAFSRSSLVSLMETFNEKAEQLVEILEAKADGQTPVSM
QDMLTYTAMDILAKAAFGMETSMLLGAQKPLSQAVKLMLEGITASRNTLAKFLPGKRKQLREVRESIRFLRQVGRDWVQR
RREALKRGEEVPADILTQILKAEEGAQDDEGLLDNFVTFFIAGHETSANHLAFTVMELSRQPEIVARLQAEVDEVIGSKR
YLDFEDLGRLQYLSQVLKESLRLYPPAWGTFRLLEEETLIDGVRVPGNTPLLFSTYVMGRMDTYFEDPLTFNPDRFGPGA
PKPRFTYFPFSLGHRSCIGQQFAQMEVKVVMAKLLQRLEFRLVPGQRFGLQEQATLKPLDPVLCTLRPRGWQPA
;
_entity_poly.pdbx_strand_id   A
#
# COMPACT_ATOMS: atom_id res chain seq x y z
N SER A 8 16.12 -30.05 6.02
CA SER A 8 16.79 -30.57 7.24
C SER A 8 17.66 -29.47 7.87
N ARG A 9 18.10 -28.50 7.05
CA ARG A 9 19.01 -27.47 7.53
C ARG A 9 18.26 -26.51 8.45
N TYR A 10 16.91 -26.57 8.42
CA TYR A 10 16.07 -25.68 9.21
C TYR A 10 15.26 -26.45 10.26
N GLU A 11 15.38 -27.77 10.31
CA GLU A 11 14.48 -28.58 11.11
C GLU A 11 14.58 -28.26 12.61
N HIS A 12 15.73 -27.76 13.06
CA HIS A 12 15.97 -27.47 14.47
C HIS A 12 15.24 -26.20 14.90
N ILE A 13 14.83 -25.37 13.94
CA ILE A 13 14.20 -24.09 14.25
C ILE A 13 12.79 -24.33 14.75
N PRO A 14 12.33 -23.62 15.81
CA PRO A 14 10.96 -23.76 16.30
C PRO A 14 9.93 -23.56 15.18
N GLY A 15 8.85 -24.35 15.23
CA GLY A 15 7.80 -24.24 14.22
C GLY A 15 6.88 -25.46 14.20
N PRO A 16 5.84 -25.47 13.33
CA PRO A 16 4.86 -26.55 13.31
C PRO A 16 5.46 -27.83 12.72
N PRO A 17 4.88 -29.02 13.02
CA PRO A 17 5.36 -30.28 12.44
C PRO A 17 4.77 -30.53 11.05
N GLY A 37 -12.42 -15.27 5.42
CA GLY A 37 -11.68 -14.00 5.58
C GLY A 37 -10.45 -14.16 6.46
N ARG A 38 -9.89 -15.38 6.46
CA ARG A 38 -8.67 -15.72 7.20
C ARG A 38 -7.54 -15.99 6.22
N VAL A 39 -6.35 -15.46 6.52
CA VAL A 39 -5.25 -15.42 5.57
C VAL A 39 -4.02 -16.13 6.14
N LEU A 40 -3.03 -16.36 5.28
CA LEU A 40 -1.79 -17.03 5.65
C LEU A 40 -1.08 -16.26 6.77
N GLN A 41 -1.13 -14.93 6.72
CA GLN A 41 -0.58 -14.08 7.77
C GLN A 41 -1.18 -14.43 9.14
N ASP A 42 -2.44 -14.89 9.18
CA ASP A 42 -3.07 -15.28 10.43
C ASP A 42 -2.47 -16.58 10.97
N VAL A 43 -2.19 -17.51 10.06
CA VAL A 43 -1.52 -18.75 10.41
C VAL A 43 -0.15 -18.41 11.00
N PHE A 44 0.55 -17.45 10.36
CA PHE A 44 1.85 -17.02 10.83
C PHE A 44 1.75 -16.39 12.23
N LEU A 45 0.69 -15.61 12.46
CA LEU A 45 0.44 -15.00 13.76
C LEU A 45 0.32 -16.07 14.84
N ASP A 46 -0.50 -17.10 14.57
CA ASP A 46 -0.73 -18.18 15.52
C ASP A 46 0.60 -18.85 15.86
N TRP A 47 1.43 -19.06 14.83
CA TRP A 47 2.68 -19.79 15.00
C TRP A 47 3.70 -18.96 15.78
N ALA A 48 3.73 -17.64 15.54
CA ALA A 48 4.59 -16.72 16.27
C ALA A 48 4.19 -16.70 17.75
N LYS A 49 2.88 -16.70 18.02
CA LYS A 49 2.39 -16.72 19.38
C LYS A 49 2.79 -18.04 20.07
N LYS A 50 2.69 -19.15 19.33
CA LYS A 50 2.92 -20.47 19.90
C LYS A 50 4.41 -20.78 20.02
N TYR A 51 5.21 -20.39 19.01
CA TYR A 51 6.55 -20.93 18.85
C TYR A 51 7.64 -19.88 19.10
N GLY A 52 7.24 -18.61 19.23
CA GLY A 52 8.16 -17.60 19.71
C GLY A 52 8.67 -16.69 18.60
N PRO A 53 9.74 -15.89 18.85
CA PRO A 53 10.13 -14.81 17.94
C PRO A 53 10.89 -15.21 16.66
N VAL A 54 11.22 -16.51 16.52
CA VAL A 54 11.92 -17.02 15.35
C VAL A 54 11.32 -18.36 14.96
N VAL A 55 10.60 -18.38 13.82
CA VAL A 55 9.83 -19.56 13.46
C VAL A 55 10.04 -19.89 11.98
N ARG A 56 10.23 -21.17 11.69
CA ARG A 56 10.32 -21.64 10.31
C ARG A 56 8.92 -21.79 9.72
N VAL A 57 8.76 -21.25 8.50
CA VAL A 57 7.51 -21.35 7.77
C VAL A 57 7.83 -21.66 6.30
N ASN A 58 6.78 -21.99 5.55
CA ASN A 58 6.85 -22.13 4.11
C ASN A 58 6.05 -20.99 3.48
N VAL A 59 6.71 -20.22 2.61
CA VAL A 59 6.04 -19.11 1.95
C VAL A 59 6.62 -18.95 0.55
N PHE A 60 5.72 -18.87 -0.45
CA PHE A 60 6.09 -18.64 -1.84
C PHE A 60 7.12 -19.69 -2.27
N HIS A 61 6.83 -20.96 -1.95
CA HIS A 61 7.58 -22.12 -2.40
C HIS A 61 8.90 -22.30 -1.65
N LYS A 62 9.21 -21.41 -0.70
CA LYS A 62 10.51 -21.44 -0.05
C LYS A 62 10.37 -21.51 1.46
N THR A 63 11.34 -22.17 2.11
CA THR A 63 11.45 -22.10 3.55
C THR A 63 11.97 -20.71 3.94
N SER A 64 11.22 -20.07 4.85
CA SER A 64 11.61 -18.78 5.40
CA SER A 64 11.57 -18.77 5.39
C SER A 64 11.54 -18.84 6.91
N VAL A 65 12.10 -17.81 7.55
CA VAL A 65 12.08 -17.71 9.01
C VAL A 65 11.42 -16.39 9.38
N ILE A 66 10.28 -16.47 10.06
CA ILE A 66 9.57 -15.27 10.49
C ILE A 66 10.18 -14.81 11.81
N VAL A 67 10.67 -13.57 11.79
CA VAL A 67 11.34 -12.95 12.92
CA VAL A 67 11.32 -12.96 12.94
C VAL A 67 10.45 -11.82 13.46
N THR A 68 10.03 -11.93 14.73
CA THR A 68 9.03 -11.01 15.26
C THR A 68 9.45 -10.31 16.55
N SER A 69 10.74 -10.31 16.89
CA SER A 69 11.14 -9.48 18.02
C SER A 69 11.47 -8.07 17.52
N PRO A 70 11.21 -7.00 18.31
CA PRO A 70 11.61 -5.65 17.91
C PRO A 70 13.12 -5.47 17.79
N GLU A 71 13.89 -6.22 18.58
CA GLU A 71 15.35 -6.19 18.49
C GLU A 71 15.79 -6.64 17.10
N SER A 72 15.12 -7.67 16.57
CA SER A 72 15.44 -8.17 15.24
C SER A 72 14.97 -7.19 14.16
N VAL A 73 13.78 -6.59 14.35
CA VAL A 73 13.27 -5.65 13.37
C VAL A 73 14.28 -4.52 13.19
N LYS A 74 14.76 -3.98 14.31
CA LYS A 74 15.73 -2.91 14.35
C LYS A 74 17.05 -3.34 13.69
N LYS A 75 17.56 -4.53 14.06
CA LYS A 75 18.85 -4.99 13.57
C LYS A 75 18.85 -5.12 12.05
N PHE A 76 17.81 -5.75 11.51
CA PHE A 76 17.85 -6.14 10.10
C PHE A 76 17.32 -5.05 9.17
N LEU A 77 16.31 -4.28 9.60
CA LEU A 77 15.73 -3.31 8.67
C LEU A 77 16.51 -1.98 8.70
N MET A 78 17.16 -1.68 9.82
CA MET A 78 17.76 -0.37 10.01
C MET A 78 19.23 -0.37 9.58
N SER A 79 19.64 -1.31 8.72
CA SER A 79 21.03 -1.44 8.31
C SER A 79 21.12 -1.71 6.80
N THR A 80 22.03 -1.01 6.11
CA THR A 80 22.23 -1.25 4.70
C THR A 80 23.04 -2.54 4.47
N LYS A 81 23.54 -3.14 5.56
CA LYS A 81 24.22 -4.43 5.48
C LYS A 81 23.26 -5.52 5.02
N TYR A 82 21.96 -5.36 5.34
CA TYR A 82 20.97 -6.37 5.00
C TYR A 82 20.14 -5.89 3.82
N ASN A 83 20.08 -6.70 2.77
CA ASN A 83 19.35 -6.37 1.56
C ASN A 83 18.17 -7.30 1.38
N LYS A 84 17.26 -6.93 0.47
CA LYS A 84 16.09 -7.74 0.16
C LYS A 84 16.53 -9.07 -0.44
N ASP A 85 15.74 -10.11 -0.18
CA ASP A 85 15.95 -11.42 -0.78
C ASP A 85 15.21 -11.46 -2.11
N SER A 86 15.97 -11.47 -3.21
CA SER A 86 15.41 -11.38 -4.55
C SER A 86 14.46 -12.53 -4.86
N LYS A 87 14.73 -13.70 -4.26
CA LYS A 87 13.95 -14.90 -4.53
C LYS A 87 12.49 -14.71 -4.11
N MET A 88 12.26 -13.78 -3.16
CA MET A 88 10.94 -13.54 -2.62
C MET A 88 10.19 -12.47 -3.41
N TYR A 89 10.90 -11.84 -4.38
CA TYR A 89 10.34 -10.76 -5.20
C TYR A 89 10.19 -11.18 -6.65
N ARG A 90 10.43 -12.47 -6.95
CA ARG A 90 10.42 -12.97 -8.32
C ARG A 90 9.06 -12.73 -8.98
N ALA A 91 7.98 -12.92 -8.22
CA ALA A 91 6.62 -12.82 -8.73
C ALA A 91 6.25 -11.38 -9.08
N LEU A 92 6.98 -10.40 -8.53
CA LEU A 92 6.85 -9.02 -8.97
C LEU A 92 7.65 -8.81 -10.26
N GLN A 93 8.82 -9.44 -10.35
CA GLN A 93 9.75 -9.18 -11.43
C GLN A 93 9.15 -9.65 -12.76
N THR A 94 8.66 -10.90 -12.76
CA THR A 94 8.18 -11.57 -13.95
C THR A 94 7.04 -12.49 -13.54
N VAL A 95 5.98 -12.52 -14.36
CA VAL A 95 4.87 -13.42 -14.13
C VAL A 95 4.59 -14.20 -15.42
N PHE A 96 4.60 -15.54 -15.29
CA PHE A 96 4.35 -16.47 -16.38
C PHE A 96 5.17 -16.07 -17.61
N GLY A 97 6.42 -15.66 -17.38
CA GLY A 97 7.35 -15.35 -18.45
C GLY A 97 7.10 -13.98 -19.08
N GLU A 98 6.33 -13.13 -18.39
CA GLU A 98 6.12 -11.76 -18.82
C GLU A 98 6.68 -10.80 -17.77
N ARG A 99 7.64 -9.99 -18.21
CA ARG A 99 8.29 -9.01 -17.35
C ARG A 99 7.24 -8.03 -16.83
N LEU A 100 7.24 -7.80 -15.51
CA LEU A 100 6.19 -7.01 -14.88
C LEU A 100 6.79 -5.76 -14.23
N PHE A 101 7.22 -5.85 -12.96
CA PHE A 101 7.92 -4.77 -12.31
C PHE A 101 9.42 -4.82 -12.63
N GLY A 102 9.88 -5.95 -13.18
CA GLY A 102 11.27 -6.15 -13.54
C GLY A 102 12.22 -5.74 -12.41
N GLN A 103 13.13 -4.81 -12.71
CA GLN A 103 14.11 -4.36 -11.74
C GLN A 103 13.80 -2.92 -11.32
N GLY A 104 12.51 -2.59 -11.24
CA GLY A 104 12.06 -1.31 -10.72
C GLY A 104 12.35 -1.16 -9.23
N LEU A 105 11.84 -0.09 -8.62
CA LEU A 105 12.29 0.36 -7.31
C LEU A 105 11.93 -0.60 -6.18
N VAL A 106 10.77 -1.27 -6.26
CA VAL A 106 10.36 -2.21 -5.22
C VAL A 106 11.17 -3.50 -5.33
N SER A 107 11.37 -3.97 -6.57
CA SER A 107 11.75 -5.36 -6.81
C SER A 107 13.25 -5.49 -7.05
N GLU A 108 13.96 -4.37 -7.24
CA GLU A 108 15.41 -4.37 -7.39
C GLU A 108 16.03 -4.70 -6.02
N CYS A 109 16.87 -5.74 -5.98
CA CYS A 109 17.39 -6.22 -4.71
C CYS A 109 18.89 -5.95 -4.53
N ASN A 110 19.58 -5.58 -5.62
CA ASN A 110 20.97 -5.16 -5.54
C ASN A 110 21.02 -3.73 -5.00
N TYR A 111 21.79 -3.54 -3.91
CA TYR A 111 21.84 -2.28 -3.19
C TYR A 111 22.25 -1.12 -4.11
N GLU A 112 23.37 -1.27 -4.84
CA GLU A 112 23.92 -0.18 -5.63
C GLU A 112 22.98 0.21 -6.78
N ARG A 113 22.36 -0.80 -7.40
CA ARG A 113 21.39 -0.56 -8.46
C ARG A 113 20.15 0.12 -7.89
N TRP A 114 19.71 -0.34 -6.71
CA TRP A 114 18.57 0.27 -6.04
C TRP A 114 18.88 1.72 -5.67
N HIS A 115 20.07 1.95 -5.11
CA HIS A 115 20.45 3.23 -4.51
C HIS A 115 20.47 4.33 -5.58
N LYS A 116 20.98 3.99 -6.76
CA LYS A 116 21.09 4.91 -7.89
C LYS A 116 19.71 5.44 -8.25
N GLN A 117 18.72 4.53 -8.36
CA GLN A 117 17.41 4.94 -8.84
C GLN A 117 16.62 5.63 -7.72
N ARG A 118 16.83 5.19 -6.48
CA ARG A 118 16.13 5.77 -5.34
C ARG A 118 16.46 7.26 -5.22
N ARG A 119 17.75 7.60 -5.32
CA ARG A 119 18.22 8.96 -5.10
C ARG A 119 17.62 9.90 -6.15
N VAL A 120 17.51 9.42 -7.39
CA VAL A 120 16.96 10.19 -8.49
C VAL A 120 15.44 10.38 -8.32
N ILE A 121 14.73 9.29 -7.99
CA ILE A 121 13.28 9.33 -7.91
C ILE A 121 12.82 10.10 -6.65
N ASP A 122 13.64 10.09 -5.60
CA ASP A 122 13.40 10.83 -4.36
C ASP A 122 13.00 12.28 -4.61
N LEU A 123 13.58 12.90 -5.66
CA LEU A 123 13.37 14.32 -5.95
C LEU A 123 11.90 14.62 -6.16
N ALA A 124 11.15 13.64 -6.68
CA ALA A 124 9.73 13.80 -6.99
C ALA A 124 8.89 13.68 -5.71
N PHE A 125 9.53 13.34 -4.59
CA PHE A 125 8.81 13.16 -3.35
C PHE A 125 9.27 14.17 -2.31
N SER A 126 9.90 15.25 -2.77
CA SER A 126 10.32 16.34 -1.89
C SER A 126 9.09 17.01 -1.32
N ARG A 127 9.26 17.71 -0.18
CA ARG A 127 8.18 18.46 0.43
C ARG A 127 7.50 19.34 -0.62
N SER A 128 8.29 20.13 -1.35
CA SER A 128 7.73 21.07 -2.33
C SER A 128 7.00 20.34 -3.46
N SER A 129 7.53 19.18 -3.88
CA SER A 129 6.88 18.34 -4.88
C SER A 129 5.48 17.95 -4.42
N LEU A 130 5.40 17.45 -3.17
CA LEU A 130 4.16 16.89 -2.65
C LEU A 130 3.14 18.00 -2.38
N VAL A 131 3.62 19.17 -1.93
CA VAL A 131 2.73 20.29 -1.72
C VAL A 131 1.99 20.61 -3.02
N SER A 132 2.69 20.51 -4.17
CA SER A 132 2.08 20.86 -5.44
C SER A 132 0.97 19.88 -5.84
N LEU A 133 0.92 18.71 -5.18
CA LEU A 133 -0.05 17.68 -5.57
C LEU A 133 -1.40 17.87 -4.88
N MET A 134 -1.50 18.84 -3.97
CA MET A 134 -2.72 19.05 -3.19
C MET A 134 -3.91 19.33 -4.11
N GLU A 135 -3.68 20.07 -5.21
CA GLU A 135 -4.74 20.37 -6.14
C GLU A 135 -5.33 19.09 -6.73
N THR A 136 -4.45 18.13 -7.10
CA THR A 136 -4.91 16.89 -7.69
C THR A 136 -5.70 16.08 -6.66
N PHE A 137 -5.17 16.01 -5.43
CA PHE A 137 -5.79 15.25 -4.36
C PHE A 137 -7.20 15.80 -4.11
N ASN A 138 -7.31 17.13 -4.07
CA ASN A 138 -8.56 17.82 -3.79
C ASN A 138 -9.59 17.58 -4.89
N GLU A 139 -9.16 17.69 -6.16
CA GLU A 139 -10.08 17.58 -7.28
C GLU A 139 -10.68 16.19 -7.36
N LYS A 140 -9.86 15.15 -7.18
CA LYS A 140 -10.34 13.77 -7.32
C LYS A 140 -11.23 13.39 -6.15
N ALA A 141 -10.87 13.87 -4.95
CA ALA A 141 -11.67 13.61 -3.75
C ALA A 141 -13.03 14.28 -3.89
N GLU A 142 -13.03 15.52 -4.42
CA GLU A 142 -14.26 16.25 -4.62
C GLU A 142 -15.15 15.52 -5.62
N GLN A 143 -14.53 15.01 -6.70
CA GLN A 143 -15.26 14.26 -7.71
C GLN A 143 -15.91 13.02 -7.10
N LEU A 144 -15.17 12.26 -6.29
CA LEU A 144 -15.71 11.08 -5.63
C LEU A 144 -16.92 11.46 -4.78
N VAL A 145 -16.76 12.48 -3.92
CA VAL A 145 -17.80 12.88 -2.99
C VAL A 145 -19.07 13.29 -3.72
N GLU A 146 -18.93 13.98 -4.86
CA GLU A 146 -20.10 14.42 -5.63
C GLU A 146 -20.84 13.21 -6.21
N ILE A 147 -20.07 12.22 -6.67
CA ILE A 147 -20.65 10.99 -7.22
C ILE A 147 -21.40 10.25 -6.10
N LEU A 148 -20.80 10.18 -4.91
CA LEU A 148 -21.41 9.48 -3.79
C LEU A 148 -22.64 10.23 -3.26
N GLU A 149 -22.58 11.57 -3.25
CA GLU A 149 -23.67 12.39 -2.73
C GLU A 149 -24.95 12.14 -3.52
N ALA A 150 -24.81 11.93 -4.84
CA ALA A 150 -25.95 11.72 -5.72
C ALA A 150 -26.63 10.37 -5.46
N LYS A 151 -25.93 9.45 -4.78
CA LYS A 151 -26.44 8.13 -4.44
C LYS A 151 -26.81 8.03 -2.96
N ALA A 152 -26.75 9.14 -2.22
CA ALA A 152 -26.89 9.08 -0.76
C ALA A 152 -28.36 9.07 -0.35
N ASP A 153 -29.08 7.99 -0.74
CA ASP A 153 -30.51 7.87 -0.51
C ASP A 153 -30.81 6.87 0.60
N GLY A 154 -29.74 6.38 1.26
CA GLY A 154 -29.82 5.43 2.35
C GLY A 154 -30.36 4.06 1.92
N GLN A 155 -30.24 3.71 0.64
CA GLN A 155 -30.89 2.54 0.08
C GLN A 155 -30.02 1.90 -1.00
N THR A 156 -29.49 2.72 -1.91
CA THR A 156 -28.63 2.24 -2.99
C THR A 156 -27.31 1.71 -2.45
N PRO A 157 -26.99 0.40 -2.64
CA PRO A 157 -25.70 -0.13 -2.20
C PRO A 157 -24.57 0.38 -3.07
N VAL A 158 -23.49 0.85 -2.43
CA VAL A 158 -22.33 1.39 -3.11
C VAL A 158 -21.10 0.63 -2.64
N SER A 159 -20.37 0.04 -3.59
CA SER A 159 -19.10 -0.61 -3.25
C SER A 159 -18.04 0.45 -2.97
N MET A 160 -17.73 0.63 -1.68
CA MET A 160 -16.75 1.65 -1.35
C MET A 160 -15.35 1.18 -1.74
N GLN A 161 -15.11 -0.14 -1.76
CA GLN A 161 -13.83 -0.63 -2.24
C GLN A 161 -13.61 -0.20 -3.69
N ASP A 162 -14.61 -0.45 -4.55
CA ASP A 162 -14.53 -0.07 -5.96
C ASP A 162 -14.30 1.44 -6.09
N MET A 163 -15.14 2.22 -5.41
CA MET A 163 -15.12 3.66 -5.59
C MET A 163 -13.78 4.23 -5.12
N LEU A 164 -13.25 3.68 -4.02
CA LEU A 164 -11.99 4.18 -3.48
C LEU A 164 -10.82 3.77 -4.38
N THR A 165 -10.91 2.60 -5.01
CA THR A 165 -9.88 2.15 -5.94
C THR A 165 -9.82 3.05 -7.18
N TYR A 166 -10.99 3.39 -7.73
CA TYR A 166 -11.09 4.26 -8.89
C TYR A 166 -10.48 5.61 -8.56
N THR A 167 -10.79 6.11 -7.36
CA THR A 167 -10.29 7.40 -6.91
C THR A 167 -8.76 7.36 -6.82
N ALA A 168 -8.22 6.31 -6.18
CA ALA A 168 -6.78 6.17 -5.99
C ALA A 168 -6.08 6.06 -7.35
N MET A 169 -6.69 5.33 -8.30
CA MET A 169 -6.10 5.19 -9.62
C MET A 169 -6.08 6.55 -10.33
N ASP A 170 -7.19 7.28 -10.25
CA ASP A 170 -7.31 8.58 -10.94
C ASP A 170 -6.32 9.57 -10.35
N ILE A 171 -6.14 9.55 -9.02
CA ILE A 171 -5.17 10.39 -8.35
C ILE A 171 -3.76 10.06 -8.87
N LEU A 172 -3.39 8.78 -8.78
CA LEU A 172 -2.03 8.38 -9.15
C LEU A 172 -1.73 8.76 -10.59
N ALA A 173 -2.63 8.41 -11.51
CA ALA A 173 -2.37 8.61 -12.93
C ALA A 173 -2.11 10.08 -13.22
N LYS A 174 -2.87 10.97 -12.56
CA LYS A 174 -2.74 12.40 -12.78
C LYS A 174 -1.48 12.94 -12.11
N ALA A 175 -1.30 12.58 -10.82
CA ALA A 175 -0.22 13.12 -10.01
C ALA A 175 1.15 12.69 -10.55
N ALA A 176 1.28 11.40 -10.90
CA ALA A 176 2.57 10.82 -11.24
C ALA A 176 2.88 10.97 -12.73
N PHE A 177 1.84 10.93 -13.59
CA PHE A 177 2.07 10.78 -15.02
C PHE A 177 1.41 11.89 -15.83
N GLY A 178 0.58 12.73 -15.21
CA GLY A 178 -0.16 13.76 -15.92
C GLY A 178 -1.21 13.17 -16.87
N MET A 179 -1.69 11.97 -16.56
CA MET A 179 -2.66 11.26 -17.38
C MET A 179 -4.00 11.24 -16.66
N GLU A 180 -5.10 11.43 -17.41
CA GLU A 180 -6.45 11.36 -16.87
C GLU A 180 -7.06 9.99 -17.20
N THR A 181 -7.11 9.10 -16.20
CA THR A 181 -7.68 7.78 -16.39
C THR A 181 -9.22 7.84 -16.39
N SER A 182 -9.79 8.76 -15.62
CA SER A 182 -11.23 8.99 -15.55
C SER A 182 -12.01 7.74 -15.16
N MET A 183 -11.44 6.89 -14.30
CA MET A 183 -12.11 5.69 -13.85
C MET A 183 -13.36 6.00 -13.04
N LEU A 184 -13.38 7.15 -12.35
CA LEU A 184 -14.55 7.62 -11.62
C LEU A 184 -15.73 7.93 -12.56
N LEU A 185 -15.44 8.14 -13.84
CA LEU A 185 -16.46 8.37 -14.85
C LEU A 185 -16.81 7.07 -15.57
N GLY A 186 -16.20 5.96 -15.15
CA GLY A 186 -16.46 4.66 -15.75
C GLY A 186 -15.64 4.40 -17.01
N ALA A 187 -14.59 5.20 -17.25
CA ALA A 187 -13.71 5.03 -18.39
C ALA A 187 -12.60 4.02 -18.06
N GLN A 188 -11.90 3.56 -19.11
CA GLN A 188 -10.74 2.69 -19.01
C GLN A 188 -11.09 1.38 -18.32
N LYS A 189 -12.18 0.73 -18.75
CA LYS A 189 -12.56 -0.57 -18.21
C LYS A 189 -11.52 -1.63 -18.58
N PRO A 190 -10.95 -1.63 -19.81
CA PRO A 190 -9.88 -2.58 -20.15
C PRO A 190 -8.69 -2.45 -19.20
N LEU A 191 -8.27 -1.21 -18.93
CA LEU A 191 -7.13 -0.97 -18.04
C LEU A 191 -7.44 -1.51 -16.65
N SER A 192 -8.68 -1.29 -16.19
CA SER A 192 -9.14 -1.78 -14.90
C SER A 192 -9.05 -3.30 -14.83
N GLN A 193 -9.49 -3.96 -15.91
CA GLN A 193 -9.45 -5.41 -16.03
C GLN A 193 -8.01 -5.92 -16.01
N ALA A 194 -7.13 -5.22 -16.74
CA ALA A 194 -5.72 -5.59 -16.84
C ALA A 194 -5.08 -5.62 -15.46
N VAL A 195 -5.35 -4.58 -14.65
CA VAL A 195 -4.81 -4.46 -13.30
C VAL A 195 -5.26 -5.66 -12.46
N LYS A 196 -6.56 -5.98 -12.54
CA LYS A 196 -7.13 -7.03 -11.70
C LYS A 196 -6.53 -8.39 -12.05
N LEU A 197 -6.38 -8.68 -13.34
CA LEU A 197 -5.88 -9.97 -13.79
C LEU A 197 -4.39 -10.11 -13.45
N MET A 198 -3.67 -9.00 -13.55
CA MET A 198 -2.24 -8.99 -13.26
C MET A 198 -2.03 -9.29 -11.78
N LEU A 199 -2.83 -8.66 -10.92
CA LEU A 199 -2.77 -8.87 -9.48
C LEU A 199 -3.06 -10.34 -9.15
N GLU A 200 -4.00 -10.95 -9.90
CA GLU A 200 -4.31 -12.37 -9.75
C GLU A 200 -3.13 -13.23 -10.22
N GLY A 201 -2.43 -12.75 -11.24
CA GLY A 201 -1.26 -13.44 -11.76
C GLY A 201 -0.14 -13.53 -10.72
N ILE A 202 0.11 -12.40 -10.03
CA ILE A 202 1.10 -12.36 -8.96
C ILE A 202 0.74 -13.40 -7.90
N THR A 203 -0.54 -13.44 -7.51
CA THR A 203 -1.06 -14.32 -6.48
C THR A 203 -0.83 -15.78 -6.87
N ALA A 204 -1.21 -16.14 -8.10
CA ALA A 204 -1.12 -17.51 -8.59
C ALA A 204 0.34 -17.95 -8.69
N SER A 205 1.22 -17.05 -9.14
CA SER A 205 2.63 -17.32 -9.29
C SER A 205 3.25 -17.83 -7.99
N ARG A 206 2.89 -17.22 -6.86
CA ARG A 206 3.62 -17.47 -5.62
C ARG A 206 2.88 -18.42 -4.68
N ASN A 207 1.56 -18.57 -4.87
CA ASN A 207 0.76 -19.52 -4.09
C ASN A 207 -0.70 -19.44 -4.56
N LYS A 216 -6.62 -22.69 -16.55
CA LYS A 216 -5.14 -22.85 -16.66
C LYS A 216 -4.65 -22.12 -17.91
N ARG A 217 -5.09 -22.59 -19.08
CA ARG A 217 -4.66 -22.06 -20.37
C ARG A 217 -5.22 -20.66 -20.59
N LYS A 218 -6.52 -20.49 -20.29
CA LYS A 218 -7.19 -19.21 -20.44
C LYS A 218 -6.68 -18.21 -19.42
N GLN A 219 -6.35 -18.69 -18.21
CA GLN A 219 -5.88 -17.83 -17.14
C GLN A 219 -4.50 -17.31 -17.51
N LEU A 220 -3.62 -18.22 -17.96
CA LEU A 220 -2.29 -17.86 -18.44
C LEU A 220 -2.39 -16.78 -19.52
N ARG A 221 -3.27 -17.01 -20.51
CA ARG A 221 -3.44 -16.12 -21.65
C ARG A 221 -3.86 -14.73 -21.17
N GLU A 222 -4.86 -14.68 -20.29
CA GLU A 222 -5.40 -13.42 -19.81
C GLU A 222 -4.38 -12.67 -18.95
N VAL A 223 -3.61 -13.41 -18.14
CA VAL A 223 -2.65 -12.77 -17.24
C VAL A 223 -1.52 -12.16 -18.07
N ARG A 224 -0.98 -12.94 -19.01
CA ARG A 224 0.11 -12.52 -19.88
C ARG A 224 -0.29 -11.28 -20.68
N GLU A 225 -1.48 -11.30 -21.30
CA GLU A 225 -1.92 -10.19 -22.14
C GLU A 225 -2.12 -8.93 -21.31
N SER A 226 -2.55 -9.09 -20.05
CA SER A 226 -2.78 -7.97 -19.13
C SER A 226 -1.47 -7.29 -18.77
N ILE A 227 -0.42 -8.10 -18.55
CA ILE A 227 0.89 -7.58 -18.24
C ILE A 227 1.45 -6.79 -19.44
N ARG A 228 1.37 -7.37 -20.65
CA ARG A 228 1.84 -6.68 -21.84
C ARG A 228 1.05 -5.39 -22.07
N PHE A 229 -0.26 -5.42 -21.77
CA PHE A 229 -1.11 -4.24 -21.90
C PHE A 229 -0.61 -3.11 -20.99
N LEU A 230 -0.33 -3.43 -19.71
CA LEU A 230 0.11 -2.41 -18.77
C LEU A 230 1.43 -1.79 -19.24
N ARG A 231 2.34 -2.64 -19.75
CA ARG A 231 3.63 -2.14 -20.20
C ARG A 231 3.46 -1.29 -21.46
N GLN A 232 2.49 -1.66 -22.31
CA GLN A 232 2.19 -0.94 -23.54
C GLN A 232 1.59 0.44 -23.23
N VAL A 233 0.75 0.50 -22.18
CA VAL A 233 0.25 1.76 -21.66
C VAL A 233 1.45 2.67 -21.33
N GLY A 234 2.45 2.11 -20.62
CA GLY A 234 3.70 2.78 -20.32
C GLY A 234 4.36 3.39 -21.56
N ARG A 235 4.62 2.55 -22.57
CA ARG A 235 5.30 2.97 -23.79
C ARG A 235 4.53 4.10 -24.47
N ASP A 236 3.20 3.95 -24.51
CA ASP A 236 2.32 4.92 -25.15
C ASP A 236 2.44 6.27 -24.43
N TRP A 237 2.35 6.23 -23.10
CA TRP A 237 2.39 7.48 -22.34
C TRP A 237 3.78 8.10 -22.34
N VAL A 238 4.82 7.26 -22.38
CA VAL A 238 6.19 7.76 -22.45
C VAL A 238 6.40 8.48 -23.77
N GLN A 239 5.88 7.91 -24.86
CA GLN A 239 6.02 8.50 -26.18
C GLN A 239 5.35 9.87 -26.20
N ARG A 240 4.15 9.96 -25.61
CA ARG A 240 3.38 11.19 -25.53
C ARG A 240 4.18 12.27 -24.79
N ARG A 241 4.81 11.88 -23.68
CA ARG A 241 5.63 12.76 -22.87
C ARG A 241 6.80 13.31 -23.70
N ARG A 242 7.54 12.40 -24.34
CA ARG A 242 8.70 12.75 -25.15
C ARG A 242 8.29 13.68 -26.30
N GLU A 243 7.09 13.47 -26.85
CA GLU A 243 6.60 14.27 -27.96
C GLU A 243 6.17 15.66 -27.48
N ALA A 244 5.61 15.72 -26.26
CA ALA A 244 5.26 16.99 -25.64
C ALA A 244 6.52 17.83 -25.43
N LEU A 245 7.57 17.20 -24.88
CA LEU A 245 8.84 17.84 -24.62
C LEU A 245 9.48 18.36 -25.90
N LYS A 246 9.38 17.58 -26.98
CA LYS A 246 9.97 17.94 -28.27
C LYS A 246 9.30 19.18 -28.84
N ARG A 247 7.98 19.27 -28.71
CA ARG A 247 7.22 20.39 -29.23
C ARG A 247 7.32 21.57 -28.25
N GLY A 248 8.00 21.34 -27.13
CA GLY A 248 8.21 22.38 -26.12
C GLY A 248 6.90 22.80 -25.45
N GLU A 249 5.96 21.86 -25.38
CA GLU A 249 4.73 22.06 -24.63
C GLU A 249 5.09 22.04 -23.15
N GLU A 250 4.18 22.54 -22.31
CA GLU A 250 4.47 22.64 -20.90
C GLU A 250 4.21 21.30 -20.23
N VAL A 251 5.27 20.76 -19.58
CA VAL A 251 5.17 19.50 -18.85
C VAL A 251 5.62 19.74 -17.42
N PRO A 252 4.67 19.79 -16.44
CA PRO A 252 5.03 19.89 -15.02
C PRO A 252 5.82 18.69 -14.49
N ALA A 253 6.94 18.97 -13.83
CA ALA A 253 7.81 17.95 -13.25
C ALA A 253 6.99 17.05 -12.33
N ASP A 254 7.18 15.74 -12.49
CA ASP A 254 6.43 14.74 -11.75
C ASP A 254 7.29 13.50 -11.54
N ILE A 255 6.65 12.43 -11.04
CA ILE A 255 7.33 11.15 -10.84
C ILE A 255 7.92 10.65 -12.15
N LEU A 256 7.14 10.77 -13.25
CA LEU A 256 7.59 10.29 -14.55
C LEU A 256 8.86 11.03 -14.99
N THR A 257 8.95 12.33 -14.69
CA THR A 257 10.15 13.11 -14.98
C THR A 257 11.37 12.40 -14.40
N GLN A 258 11.28 11.99 -13.13
CA GLN A 258 12.43 11.43 -12.43
C GLN A 258 12.69 9.98 -12.87
N ILE A 259 11.60 9.28 -13.23
CA ILE A 259 11.71 7.93 -13.78
C ILE A 259 12.49 7.98 -15.09
N LEU A 260 12.17 8.97 -15.93
CA LEU A 260 12.90 9.21 -17.16
C LEU A 260 14.35 9.55 -16.86
N LYS A 261 14.54 10.42 -15.87
CA LYS A 261 15.87 10.94 -15.51
C LYS A 261 16.77 9.79 -15.07
N ALA A 262 16.17 8.79 -14.38
CA ALA A 262 16.91 7.66 -13.84
C ALA A 262 17.48 6.79 -14.95
N GLU A 263 16.91 6.90 -16.16
CA GLU A 263 17.27 6.02 -17.26
C GLU A 263 18.08 6.75 -18.33
N GLU A 264 18.58 7.95 -18.00
CA GLU A 264 19.14 8.89 -18.96
C GLU A 264 19.93 8.22 -20.09
N GLY A 265 20.80 7.28 -19.74
CA GLY A 265 21.69 6.72 -20.75
C GLY A 265 21.53 5.21 -20.92
N ALA A 266 20.33 4.68 -20.61
CA ALA A 266 20.05 3.27 -20.70
C ALA A 266 20.14 2.80 -22.15
N GLN A 267 20.36 1.49 -22.34
CA GLN A 267 20.51 0.90 -23.66
C GLN A 267 19.14 0.69 -24.29
N ASP A 268 18.11 0.53 -23.46
CA ASP A 268 16.73 0.30 -23.88
C ASP A 268 15.78 0.95 -22.87
N ASP A 269 14.48 0.81 -23.11
CA ASP A 269 13.44 1.45 -22.30
C ASP A 269 12.87 0.47 -21.27
N GLU A 270 13.49 -0.70 -21.11
CA GLU A 270 12.89 -1.74 -20.28
C GLU A 270 12.95 -1.34 -18.81
N GLY A 271 14.01 -0.64 -18.41
CA GLY A 271 14.14 -0.14 -17.05
C GLY A 271 13.10 0.94 -16.74
N LEU A 272 12.87 1.80 -17.74
CA LEU A 272 11.87 2.86 -17.67
C LEU A 272 10.48 2.26 -17.48
N LEU A 273 10.17 1.21 -18.25
CA LEU A 273 8.84 0.62 -18.21
C LEU A 273 8.63 -0.16 -16.92
N ASP A 274 9.70 -0.76 -16.39
CA ASP A 274 9.70 -1.39 -15.08
C ASP A 274 9.17 -0.42 -14.03
N ASN A 275 9.75 0.78 -14.01
CA ASN A 275 9.37 1.79 -13.02
C ASN A 275 8.00 2.40 -13.34
N PHE A 276 7.67 2.51 -14.63
CA PHE A 276 6.33 2.97 -14.96
C PHE A 276 5.30 2.07 -14.30
N VAL A 277 5.43 0.76 -14.51
CA VAL A 277 4.44 -0.19 -14.05
C VAL A 277 4.48 -0.27 -12.52
N THR A 278 5.69 -0.25 -11.96
CA THR A 278 5.90 -0.26 -10.51
C THR A 278 5.07 0.85 -9.88
N PHE A 279 5.21 2.07 -10.39
CA PHE A 279 4.58 3.23 -9.79
C PHE A 279 3.08 3.25 -10.10
N PHE A 280 2.72 2.79 -11.31
CA PHE A 280 1.33 2.72 -11.71
C PHE A 280 0.54 1.85 -10.74
N ILE A 281 1.14 0.75 -10.29
CA ILE A 281 0.44 -0.20 -9.44
C ILE A 281 0.64 0.18 -7.98
N ALA A 282 1.89 0.33 -7.55
CA ALA A 282 2.20 0.56 -6.15
C ALA A 282 1.60 1.89 -5.68
N GLY A 283 1.46 2.83 -6.62
CA GLY A 283 1.01 4.18 -6.31
C GLY A 283 -0.50 4.31 -6.14
N HIS A 284 -1.26 3.23 -6.38
CA HIS A 284 -2.69 3.29 -6.09
C HIS A 284 -3.21 2.12 -5.25
N GLU A 285 -2.64 0.91 -5.42
CA GLU A 285 -3.26 -0.30 -4.88
C GLU A 285 -3.35 -0.27 -3.35
N THR A 286 -2.21 -0.01 -2.71
CA THR A 286 -2.14 -0.05 -1.25
C THR A 286 -2.93 1.11 -0.66
N SER A 287 -2.84 2.29 -1.29
CA SER A 287 -3.61 3.45 -0.86
C SER A 287 -5.11 3.12 -0.84
N ALA A 288 -5.58 2.48 -1.93
CA ALA A 288 -6.96 2.05 -2.10
C ALA A 288 -7.37 1.06 -1.01
N ASN A 289 -6.48 0.10 -0.75
CA ASN A 289 -6.69 -0.92 0.28
C ASN A 289 -6.85 -0.23 1.63
N HIS A 290 -5.95 0.70 1.95
CA HIS A 290 -5.93 1.41 3.22
C HIS A 290 -7.23 2.20 3.42
N LEU A 291 -7.65 2.91 2.36
CA LEU A 291 -8.92 3.62 2.34
C LEU A 291 -10.09 2.68 2.60
N ALA A 292 -10.14 1.56 1.86
CA ALA A 292 -11.24 0.60 1.98
C ALA A 292 -11.31 0.04 3.40
N PHE A 293 -10.17 -0.37 3.95
CA PHE A 293 -10.12 -0.90 5.31
C PHE A 293 -10.63 0.13 6.32
N THR A 294 -10.23 1.39 6.13
CA THR A 294 -10.56 2.45 7.08
C THR A 294 -12.07 2.69 7.07
N VAL A 295 -12.66 2.80 5.87
CA VAL A 295 -14.10 2.99 5.74
C VAL A 295 -14.83 1.80 6.37
N MET A 296 -14.37 0.59 6.06
CA MET A 296 -14.96 -0.64 6.59
C MET A 296 -14.98 -0.61 8.12
N GLU A 297 -13.81 -0.34 8.74
CA GLU A 297 -13.69 -0.37 10.18
C GLU A 297 -14.56 0.70 10.83
N LEU A 298 -14.52 1.93 10.27
CA LEU A 298 -15.23 3.05 10.84
C LEU A 298 -16.75 2.84 10.81
N SER A 299 -17.24 1.96 9.92
CA SER A 299 -18.66 1.69 9.84
C SER A 299 -19.20 1.05 11.13
N ARG A 300 -18.32 0.48 11.96
CA ARG A 300 -18.77 -0.05 13.25
C ARG A 300 -18.17 0.73 14.43
N GLN A 301 -17.72 1.95 14.17
CA GLN A 301 -17.14 2.80 15.21
C GLN A 301 -17.86 4.14 15.23
N PRO A 302 -19.18 4.19 15.57
CA PRO A 302 -19.94 5.44 15.44
C PRO A 302 -19.39 6.59 16.29
N GLU A 303 -18.87 6.27 17.48
CA GLU A 303 -18.34 7.32 18.36
C GLU A 303 -17.10 7.95 17.75
N ILE A 304 -16.19 7.13 17.21
CA ILE A 304 -15.00 7.63 16.56
C ILE A 304 -15.38 8.48 15.35
N VAL A 305 -16.37 8.00 14.57
CA VAL A 305 -16.83 8.76 13.41
C VAL A 305 -17.34 10.14 13.83
N ALA A 306 -18.11 10.19 14.92
CA ALA A 306 -18.63 11.46 15.43
C ALA A 306 -17.49 12.44 15.73
N ARG A 307 -16.41 11.91 16.34
CA ARG A 307 -15.25 12.70 16.70
C ARG A 307 -14.51 13.21 15.46
N LEU A 308 -14.37 12.33 14.45
CA LEU A 308 -13.72 12.66 13.20
C LEU A 308 -14.51 13.74 12.47
N GLN A 309 -15.84 13.58 12.45
CA GLN A 309 -16.73 14.55 11.83
C GLN A 309 -16.54 15.93 12.49
N ALA A 310 -16.51 15.94 13.83
CA ALA A 310 -16.36 17.18 14.57
C ALA A 310 -15.02 17.84 14.24
N GLU A 311 -13.96 17.02 14.13
CA GLU A 311 -12.63 17.53 13.86
C GLU A 311 -12.61 18.22 12.49
N VAL A 312 -13.12 17.52 11.47
CA VAL A 312 -13.18 18.05 10.12
C VAL A 312 -14.02 19.34 10.10
N ASP A 313 -15.14 19.35 10.85
CA ASP A 313 -15.98 20.53 10.94
C ASP A 313 -15.19 21.73 11.48
N GLU A 314 -14.37 21.51 12.51
CA GLU A 314 -13.68 22.60 13.20
C GLU A 314 -12.48 23.08 12.38
N VAL A 315 -11.80 22.15 11.69
CA VAL A 315 -10.55 22.49 11.04
C VAL A 315 -10.83 23.14 9.68
N ILE A 316 -11.63 22.49 8.84
CA ILE A 316 -11.75 22.93 7.46
C ILE A 316 -13.09 23.64 7.23
N GLY A 317 -14.06 23.39 8.12
CA GLY A 317 -15.35 24.04 8.06
C GLY A 317 -16.16 23.61 6.84
N SER A 318 -16.52 24.59 6.00
CA SER A 318 -17.28 24.36 4.79
C SER A 318 -16.45 24.69 3.56
N LYS A 319 -15.13 24.86 3.75
CA LYS A 319 -14.21 24.95 2.62
C LYS A 319 -14.31 23.68 1.79
N ARG A 320 -14.27 23.84 0.46
CA ARG A 320 -14.33 22.73 -0.46
C ARG A 320 -12.96 22.07 -0.52
N TYR A 321 -11.92 22.90 -0.36
CA TYR A 321 -10.53 22.55 -0.59
C TYR A 321 -9.78 22.49 0.73
N LEU A 322 -8.98 21.42 0.91
CA LEU A 322 -8.03 21.36 2.01
C LEU A 322 -6.69 21.93 1.55
N ASP A 323 -6.15 22.87 2.34
CA ASP A 323 -4.81 23.38 2.12
C ASP A 323 -3.83 22.43 2.80
N PHE A 324 -2.55 22.56 2.45
CA PHE A 324 -1.53 21.69 3.00
C PHE A 324 -1.49 21.80 4.52
N GLU A 325 -1.65 23.03 5.05
CA GLU A 325 -1.50 23.26 6.48
C GLU A 325 -2.69 22.72 7.27
N ASP A 326 -3.82 22.48 6.59
CA ASP A 326 -4.96 21.85 7.22
C ASP A 326 -4.65 20.40 7.61
N LEU A 327 -3.78 19.73 6.83
CA LEU A 327 -3.53 18.31 6.98
C LEU A 327 -2.94 18.02 8.35
N GLY A 328 -1.99 18.85 8.79
CA GLY A 328 -1.33 18.67 10.07
C GLY A 328 -2.30 18.88 11.25
N ARG A 329 -3.37 19.64 10.99
CA ARG A 329 -4.32 20.01 12.02
C ARG A 329 -5.35 18.89 12.24
N LEU A 330 -5.39 17.92 11.33
CA LEU A 330 -6.35 16.82 11.43
C LEU A 330 -5.70 15.69 12.24
N GLN A 331 -5.40 16.00 13.50
CA GLN A 331 -4.60 15.17 14.39
C GLN A 331 -5.33 13.86 14.69
N TYR A 332 -6.62 13.94 15.05
CA TYR A 332 -7.36 12.74 15.41
C TYR A 332 -7.51 11.82 14.20
N LEU A 333 -7.68 12.39 13.01
CA LEU A 333 -7.74 11.61 11.79
C LEU A 333 -6.42 10.88 11.54
N SER A 334 -5.29 11.56 11.79
CA SER A 334 -3.98 10.95 11.61
CA SER A 334 -3.98 10.93 11.59
CA SER A 334 -3.96 10.97 11.64
C SER A 334 -3.86 9.71 12.50
N GLN A 335 -4.40 9.80 13.72
CA GLN A 335 -4.36 8.71 14.69
C GLN A 335 -5.21 7.53 14.23
N VAL A 336 -6.43 7.80 13.76
CA VAL A 336 -7.34 6.77 13.28
C VAL A 336 -6.68 6.02 12.11
N LEU A 337 -6.02 6.76 11.22
CA LEU A 337 -5.40 6.19 10.04
C LEU A 337 -4.19 5.34 10.45
N LYS A 338 -3.44 5.78 11.46
CA LYS A 338 -2.34 4.97 11.99
C LYS A 338 -2.86 3.67 12.59
N GLU A 339 -3.96 3.75 13.33
CA GLU A 339 -4.55 2.57 13.99
C GLU A 339 -5.11 1.63 12.93
N SER A 340 -5.67 2.20 11.86
CA SER A 340 -6.14 1.40 10.73
C SER A 340 -4.99 0.57 10.14
N LEU A 341 -3.81 1.18 10.00
CA LEU A 341 -2.65 0.51 9.41
C LEU A 341 -2.07 -0.55 10.35
N ARG A 342 -2.29 -0.41 11.67
CA ARG A 342 -1.80 -1.38 12.63
C ARG A 342 -2.54 -2.71 12.46
N LEU A 343 -3.87 -2.66 12.33
CA LEU A 343 -4.69 -3.86 12.23
C LEU A 343 -4.80 -4.34 10.79
N TYR A 344 -4.72 -3.38 9.84
CA TYR A 344 -5.02 -3.68 8.44
C TYR A 344 -3.92 -3.09 7.55
N PRO A 345 -2.67 -3.56 7.65
CA PRO A 345 -1.62 -3.10 6.74
C PRO A 345 -1.84 -3.75 5.37
N PRO A 346 -2.02 -2.97 4.28
CA PRO A 346 -2.16 -3.56 2.94
C PRO A 346 -0.89 -4.33 2.55
N ALA A 347 0.27 -3.78 2.94
CA ALA A 347 1.55 -4.43 2.73
C ALA A 347 2.03 -4.99 4.06
N TRP A 348 1.96 -6.31 4.20
CA TRP A 348 2.10 -6.91 5.52
C TRP A 348 3.56 -6.91 6.00
N GLY A 349 4.51 -6.77 5.09
CA GLY A 349 5.91 -6.72 5.51
C GLY A 349 6.89 -6.87 4.34
N THR A 350 8.04 -7.51 4.65
CA THR A 350 9.20 -7.46 3.78
C THR A 350 10.14 -8.63 4.11
N PHE A 351 11.08 -8.89 3.21
CA PHE A 351 12.06 -9.96 3.39
C PHE A 351 13.47 -9.36 3.31
N ARG A 352 14.36 -9.85 4.17
CA ARG A 352 15.79 -9.59 4.02
C ARG A 352 16.51 -10.92 3.92
N LEU A 353 17.61 -10.93 3.15
CA LEU A 353 18.43 -12.12 3.02
C LEU A 353 19.48 -12.12 4.14
N LEU A 354 19.45 -13.18 4.97
CA LEU A 354 20.52 -13.43 5.91
C LEU A 354 21.64 -14.18 5.19
N GLU A 355 22.82 -13.57 5.10
CA GLU A 355 23.89 -14.14 4.29
C GLU A 355 24.69 -15.17 5.08
N GLU A 356 24.96 -14.89 6.35
CA GLU A 356 25.80 -15.80 7.12
C GLU A 356 25.05 -16.32 8.34
N GLU A 357 25.43 -17.52 8.80
CA GLU A 357 24.75 -18.10 9.94
C GLU A 357 24.81 -17.11 11.10
N THR A 358 23.68 -16.92 11.77
CA THR A 358 23.52 -15.91 12.80
C THR A 358 22.59 -16.46 13.89
N LEU A 359 22.91 -16.13 15.16
CA LEU A 359 22.00 -16.37 16.27
C LEU A 359 21.00 -15.22 16.33
N ILE A 360 19.70 -15.55 16.26
CA ILE A 360 18.62 -14.58 16.33
C ILE A 360 17.72 -15.00 17.48
N ASP A 361 17.71 -14.20 18.55
CA ASP A 361 16.89 -14.47 19.73
C ASP A 361 17.07 -15.91 20.20
N GLY A 362 18.34 -16.35 20.32
CA GLY A 362 18.65 -17.65 20.89
C GLY A 362 18.48 -18.80 19.89
N VAL A 363 18.18 -18.48 18.63
CA VAL A 363 17.97 -19.48 17.60
C VAL A 363 19.07 -19.35 16.55
N ARG A 364 19.70 -20.48 16.21
CA ARG A 364 20.69 -20.54 15.15
C ARG A 364 19.98 -20.56 13.80
N VAL A 365 20.17 -19.49 13.02
CA VAL A 365 19.58 -19.41 11.69
C VAL A 365 20.69 -19.55 10.64
N PRO A 366 20.61 -20.59 9.78
CA PRO A 366 21.64 -20.86 8.76
C PRO A 366 21.82 -19.69 7.79
N GLY A 367 23.01 -19.63 7.18
CA GLY A 367 23.28 -18.66 6.14
C GLY A 367 22.41 -18.91 4.91
N ASN A 368 22.15 -17.83 4.16
CA ASN A 368 21.34 -17.89 2.95
C ASN A 368 19.91 -18.27 3.31
N THR A 369 19.28 -17.45 4.17
CA THR A 369 17.92 -17.68 4.61
C THR A 369 17.12 -16.39 4.44
N PRO A 370 15.91 -16.46 3.85
CA PRO A 370 15.02 -15.30 3.81
C PRO A 370 14.43 -15.08 5.21
N LEU A 371 14.61 -13.85 5.74
CA LEU A 371 13.95 -13.49 7.00
C LEU A 371 12.68 -12.73 6.66
N LEU A 372 11.56 -13.16 7.25
CA LEU A 372 10.24 -12.57 7.02
C LEU A 372 9.90 -11.64 8.19
N PHE A 373 9.63 -10.36 7.89
CA PHE A 373 9.20 -9.38 8.86
C PHE A 373 7.75 -9.01 8.56
N SER A 374 6.91 -8.99 9.62
CA SER A 374 5.49 -8.78 9.42
C SER A 374 4.95 -7.78 10.45
N THR A 375 4.50 -6.62 9.95
CA THR A 375 3.83 -5.62 10.76
C THR A 375 2.42 -6.10 11.08
N TYR A 376 1.87 -6.95 10.20
CA TYR A 376 0.56 -7.56 10.43
C TYR A 376 0.61 -8.43 11.68
N VAL A 377 1.60 -9.33 11.75
CA VAL A 377 1.73 -10.28 12.85
C VAL A 377 1.97 -9.53 14.17
N MET A 378 2.93 -8.59 14.17
CA MET A 378 3.36 -7.95 15.41
C MET A 378 2.25 -7.02 15.92
N GLY A 379 1.50 -6.43 15.00
CA GLY A 379 0.36 -5.58 15.34
C GLY A 379 -0.74 -6.34 16.07
N ARG A 380 -0.77 -7.66 15.96
CA ARG A 380 -1.84 -8.44 16.56
C ARG A 380 -1.35 -9.30 17.71
N MET A 381 -0.11 -9.05 18.15
CA MET A 381 0.45 -9.82 19.24
C MET A 381 0.29 -9.03 20.54
N ASP A 382 -0.30 -9.66 21.56
CA ASP A 382 -0.54 -8.99 22.83
C ASP A 382 0.78 -8.64 23.52
N THR A 383 1.90 -9.26 23.11
CA THR A 383 3.18 -8.91 23.69
CA THR A 383 3.21 -8.93 23.65
C THR A 383 3.57 -7.50 23.28
N TYR A 384 3.08 -7.05 22.12
CA TYR A 384 3.47 -5.74 21.59
C TYR A 384 2.36 -4.71 21.77
N PHE A 385 1.09 -5.16 21.76
CA PHE A 385 -0.04 -4.26 21.85
C PHE A 385 -1.10 -4.84 22.77
N GLU A 386 -1.35 -4.15 23.89
CA GLU A 386 -2.43 -4.50 24.80
C GLU A 386 -3.75 -4.53 24.03
N ASP A 387 -4.57 -5.57 24.29
CA ASP A 387 -5.87 -5.74 23.66
C ASP A 387 -5.76 -5.54 22.15
N PRO A 388 -4.95 -6.36 21.44
CA PRO A 388 -4.55 -6.04 20.07
C PRO A 388 -5.69 -5.91 19.06
N LEU A 389 -6.79 -6.63 19.29
CA LEU A 389 -7.91 -6.60 18.35
C LEU A 389 -8.81 -5.38 18.57
N THR A 390 -8.58 -4.62 19.65
CA THR A 390 -9.37 -3.42 19.90
C THR A 390 -8.85 -2.28 19.03
N PHE A 391 -9.77 -1.64 18.28
CA PHE A 391 -9.45 -0.47 17.48
C PHE A 391 -9.42 0.77 18.38
N ASN A 392 -8.22 1.29 18.69
CA ASN A 392 -8.11 2.39 19.63
C ASN A 392 -7.16 3.46 19.10
N PRO A 393 -7.67 4.53 18.45
CA PRO A 393 -6.82 5.60 17.94
C PRO A 393 -5.91 6.25 18.99
N ASP A 394 -6.27 6.10 20.27
CA ASP A 394 -5.52 6.75 21.34
C ASP A 394 -4.14 6.10 21.51
N ARG A 395 -3.93 4.90 20.97
CA ARG A 395 -2.60 4.31 20.96
C ARG A 395 -1.59 5.27 20.31
N PHE A 396 -2.08 6.15 19.43
CA PHE A 396 -1.22 7.06 18.68
C PHE A 396 -1.38 8.50 19.16
N GLY A 397 -1.95 8.70 20.34
CA GLY A 397 -2.13 10.02 20.92
C GLY A 397 -0.78 10.68 21.25
N PRO A 398 -0.71 12.03 21.30
CA PRO A 398 0.54 12.75 21.57
C PRO A 398 1.29 12.26 22.80
N GLY A 399 0.56 11.98 23.88
CA GLY A 399 1.21 11.61 25.14
C GLY A 399 1.56 10.13 25.23
N ALA A 400 1.13 9.33 24.24
CA ALA A 400 1.27 7.88 24.31
C ALA A 400 2.67 7.46 23.88
N PRO A 401 3.26 6.43 24.53
CA PRO A 401 4.56 5.89 24.12
C PRO A 401 4.47 5.33 22.70
N LYS A 402 5.38 5.77 21.83
CA LYS A 402 5.38 5.36 20.44
C LYS A 402 5.85 3.90 20.36
N PRO A 403 5.23 3.07 19.50
CA PRO A 403 5.72 1.71 19.24
C PRO A 403 7.18 1.75 18.80
N ARG A 404 8.00 0.90 19.43
CA ARG A 404 9.42 0.85 19.11
C ARG A 404 9.70 -0.43 18.34
N PHE A 405 9.69 -0.32 17.00
CA PHE A 405 10.02 -1.40 16.08
C PHE A 405 8.99 -2.53 16.13
N THR A 406 7.74 -2.17 16.45
CA THR A 406 6.65 -3.15 16.48
C THR A 406 5.57 -2.78 15.47
N TYR A 407 5.75 -1.66 14.75
CA TYR A 407 4.76 -1.12 13.85
C TYR A 407 5.46 -0.50 12.64
N PHE A 408 5.23 -1.07 11.45
CA PHE A 408 5.93 -0.58 10.28
C PHE A 408 5.10 -0.82 9.01
N PRO A 409 3.93 -0.15 8.86
CA PRO A 409 3.10 -0.33 7.66
C PRO A 409 3.72 0.21 6.38
N PHE A 410 4.74 1.06 6.51
CA PHE A 410 5.49 1.54 5.37
C PHE A 410 6.92 0.99 5.39
N SER A 411 7.14 -0.05 6.20
CA SER A 411 8.46 -0.61 6.48
C SER A 411 9.35 0.41 7.19
N LEU A 412 10.64 0.07 7.35
CA LEU A 412 11.61 0.92 8.04
C LEU A 412 12.94 0.84 7.31
N GLY A 413 13.79 1.85 7.53
CA GLY A 413 15.14 1.85 7.00
C GLY A 413 15.16 2.29 5.54
N HIS A 414 16.24 1.91 4.84
CA HIS A 414 16.55 2.45 3.53
C HIS A 414 15.52 1.98 2.50
N ARG A 415 14.90 0.82 2.74
CA ARG A 415 13.91 0.28 1.82
C ARG A 415 12.49 0.56 2.30
N SER A 416 12.30 1.62 3.08
CA SER A 416 10.96 2.06 3.44
C SER A 416 10.28 2.68 2.22
N CYS A 417 8.94 2.76 2.28
CA CYS A 417 8.10 3.24 1.20
C CYS A 417 8.48 4.66 0.78
N ILE A 418 8.83 4.82 -0.50
CA ILE A 418 9.15 6.14 -1.03
C ILE A 418 7.87 7.00 -1.08
N GLY A 419 6.71 6.33 -1.19
CA GLY A 419 5.44 7.04 -1.36
C GLY A 419 4.71 7.28 -0.05
N GLN A 420 5.41 7.13 1.09
CA GLN A 420 4.75 7.17 2.39
C GLN A 420 3.99 8.47 2.61
N GLN A 421 4.67 9.61 2.39
CA GLN A 421 4.07 10.91 2.65
C GLN A 421 3.02 11.24 1.59
N PHE A 422 3.26 10.81 0.35
CA PHE A 422 2.30 10.94 -0.74
C PHE A 422 0.99 10.24 -0.33
N ALA A 423 1.10 8.99 0.13
CA ALA A 423 -0.05 8.18 0.53
C ALA A 423 -0.77 8.83 1.70
N GLN A 424 0.00 9.28 2.71
CA GLN A 424 -0.59 9.84 3.92
C GLN A 424 -1.42 11.08 3.57
N MET A 425 -0.89 11.92 2.67
CA MET A 425 -1.57 13.14 2.27
C MET A 425 -2.85 12.82 1.51
N GLU A 426 -2.77 11.94 0.50
CA GLU A 426 -3.91 11.67 -0.37
C GLU A 426 -5.05 11.01 0.43
N VAL A 427 -4.71 10.09 1.33
CA VAL A 427 -5.75 9.38 2.06
CA VAL A 427 -5.71 9.38 2.09
C VAL A 427 -6.42 10.34 3.05
N LYS A 428 -5.63 11.26 3.64
CA LYS A 428 -6.22 12.26 4.54
C LYS A 428 -7.17 13.18 3.80
N VAL A 429 -6.79 13.60 2.59
CA VAL A 429 -7.66 14.43 1.77
C VAL A 429 -8.96 13.68 1.48
N VAL A 430 -8.88 12.42 1.06
CA VAL A 430 -10.06 11.66 0.67
C VAL A 430 -10.96 11.43 1.89
N MET A 431 -10.34 11.02 3.01
CA MET A 431 -11.09 10.70 4.22
C MET A 431 -11.78 11.96 4.75
N ALA A 432 -11.06 13.09 4.76
CA ALA A 432 -11.61 14.32 5.31
C ALA A 432 -12.84 14.76 4.52
N LYS A 433 -12.80 14.55 3.21
CA LYS A 433 -13.88 15.01 2.35
C LYS A 433 -15.10 14.12 2.50
N LEU A 434 -14.89 12.81 2.68
CA LEU A 434 -15.98 11.88 2.97
C LEU A 434 -16.66 12.25 4.28
N LEU A 435 -15.85 12.52 5.31
CA LEU A 435 -16.34 12.76 6.67
C LEU A 435 -17.08 14.09 6.73
N GLN A 436 -16.63 15.07 5.94
CA GLN A 436 -17.25 16.38 5.84
C GLN A 436 -18.68 16.24 5.30
N ARG A 437 -18.88 15.33 4.34
CA ARG A 437 -20.06 15.41 3.49
C ARG A 437 -21.03 14.25 3.66
N LEU A 438 -20.55 13.07 4.12
CA LEU A 438 -21.36 11.87 4.02
C LEU A 438 -21.35 11.06 5.30
N GLU A 439 -22.44 10.29 5.49
CA GLU A 439 -22.57 9.26 6.52
C GLU A 439 -22.69 7.90 5.82
N PHE A 440 -22.02 6.88 6.38
CA PHE A 440 -21.89 5.57 5.76
C PHE A 440 -22.38 4.48 6.69
N ARG A 441 -23.22 3.58 6.17
CA ARG A 441 -23.65 2.39 6.89
C ARG A 441 -23.32 1.16 6.05
N LEU A 442 -22.61 0.21 6.66
CA LEU A 442 -22.24 -1.03 5.98
C LEU A 442 -23.51 -1.87 5.79
N VAL A 443 -23.72 -2.39 4.57
CA VAL A 443 -24.90 -3.20 4.31
C VAL A 443 -24.81 -4.47 5.17
N PRO A 444 -25.87 -4.86 5.91
CA PRO A 444 -25.83 -6.08 6.72
C PRO A 444 -25.47 -7.30 5.88
N GLY A 445 -24.61 -8.16 6.45
CA GLY A 445 -24.07 -9.28 5.72
C GLY A 445 -22.63 -9.04 5.26
N GLN A 446 -22.26 -7.76 5.09
CA GLN A 446 -20.90 -7.43 4.70
C GLN A 446 -19.96 -7.84 5.83
N ARG A 447 -18.80 -8.38 5.45
CA ARG A 447 -17.89 -8.98 6.40
C ARG A 447 -16.72 -8.04 6.64
N PHE A 448 -16.03 -8.25 7.76
CA PHE A 448 -14.88 -7.45 8.17
C PHE A 448 -13.58 -8.21 7.92
N GLY A 449 -13.67 -9.38 7.28
CA GLY A 449 -12.51 -10.21 7.05
C GLY A 449 -11.60 -9.67 5.95
N LEU A 450 -10.40 -10.25 5.88
CA LEU A 450 -9.38 -9.86 4.94
C LEU A 450 -9.25 -10.94 3.87
N GLN A 451 -8.75 -10.54 2.70
CA GLN A 451 -8.18 -11.50 1.77
C GLN A 451 -6.73 -11.09 1.47
N GLU A 452 -5.91 -12.09 1.14
CA GLU A 452 -4.52 -11.91 0.76
C GLU A 452 -4.41 -12.20 -0.75
N GLN A 453 -4.21 -11.14 -1.54
CA GLN A 453 -4.25 -11.24 -3.00
C GLN A 453 -3.25 -10.25 -3.61
N ALA A 454 -1.95 -10.50 -3.37
CA ALA A 454 -0.88 -9.60 -3.78
C ALA A 454 -0.67 -8.53 -2.72
N THR A 455 -1.78 -7.99 -2.19
CA THR A 455 -1.80 -7.18 -0.97
C THR A 455 -2.91 -7.69 -0.06
N LEU A 456 -2.99 -7.16 1.16
CA LEU A 456 -4.14 -7.42 2.01
C LEU A 456 -5.19 -6.37 1.70
N LYS A 457 -6.45 -6.82 1.61
CA LYS A 457 -7.56 -5.94 1.29
C LYS A 457 -8.82 -6.54 1.91
N PRO A 458 -9.91 -5.76 2.08
CA PRO A 458 -11.18 -6.33 2.55
C PRO A 458 -11.65 -7.50 1.69
N LEU A 459 -12.17 -8.55 2.36
CA LEU A 459 -12.71 -9.69 1.65
C LEU A 459 -13.90 -9.27 0.80
N ASP A 460 -14.75 -8.40 1.36
CA ASP A 460 -15.99 -7.98 0.72
C ASP A 460 -15.78 -6.61 0.08
N PRO A 461 -16.68 -6.21 -0.84
CA PRO A 461 -16.61 -4.91 -1.52
C PRO A 461 -16.86 -3.66 -0.68
N VAL A 462 -17.01 -3.83 0.65
CA VAL A 462 -17.36 -2.74 1.54
C VAL A 462 -18.62 -2.05 0.99
N LEU A 463 -19.68 -2.83 0.80
CA LEU A 463 -20.97 -2.34 0.33
C LEU A 463 -21.62 -1.49 1.42
N CYS A 464 -21.92 -0.22 1.11
CA CYS A 464 -22.51 0.70 2.06
C CYS A 464 -23.73 1.39 1.45
N THR A 465 -24.64 1.84 2.32
CA THR A 465 -25.60 2.88 1.99
C THR A 465 -25.12 4.19 2.61
N LEU A 466 -25.57 5.30 2.02
CA LEU A 466 -25.01 6.61 2.28
C LEU A 466 -26.14 7.59 2.52
N ARG A 467 -25.90 8.56 3.41
CA ARG A 467 -26.77 9.70 3.59
C ARG A 467 -25.91 10.96 3.64
N PRO A 468 -26.42 12.13 3.21
CA PRO A 468 -25.68 13.39 3.39
C PRO A 468 -25.62 13.65 4.89
N ARG A 469 -24.54 14.31 5.34
CA ARG A 469 -24.42 14.69 6.74
C ARG A 469 -25.47 15.74 7.09
N GLY A 470 -26.03 15.60 8.29
CA GLY A 470 -27.12 16.43 8.76
C GLY A 470 -28.49 15.83 8.45
N TRP A 471 -28.49 14.58 7.96
CA TRP A 471 -29.75 13.92 7.60
C TRP A 471 -30.53 13.57 8.88
#